data_4OPL
#
_entry.id   4OPL
#
_cell.length_a   65.331
_cell.length_b   78.840
_cell.length_c   105.997
_cell.angle_alpha   90.00
_cell.angle_beta   90.00
_cell.angle_gamma   90.00
#
_symmetry.space_group_name_H-M   'P 21 21 21'
#
loop_
_entity.id
_entity.type
_entity.pdbx_description
1 polymer 'Conserved Archaeal protein'
2 non-polymer 'DIHYDROFLAVINE-ADENINE DINUCLEOTIDE'
3 water water
#
_entity_poly.entity_id   1
_entity_poly.type   'polypeptide(L)'
_entity_poly.pdbx_seq_one_letter_code
;HMKELKYDVLIIGGGFAGSSAAYQLSRRGLKILLVDSKPWNRIGDKPCGDAVSKAHFDKLGMPYPKGEELENKINGIKLY
SPDMQTVWTVNGEGFELNAPLYNQRVLKEAQDRGVEIWDLTTAMKPIFEDGYVKGAVLFNRRTNEELTVYSKVVVEATGY
SRSFRSKLPPELPITEDLDDKDADVAYREVLLTKEDIEDHDYLRIFFDQETSPGGYWWYFPKGKNKVNVGLGIQGGMGYP
SIHEYYKKYLDKYAPDVDKSKLLVKGGALVPTRRPLYTMAWNGIIVIGDSGFTVNPVHGGGKGSAMISGYCAAKAILSAF
ETGDFSASGLWDMNICYVNEYGAKQASLDIFRRFLQKLSNDDINYGMKKKIIKEEDLLEASEKGDLHLSVADKAMRVISG
LGRPSLLFKLKAVAESMKKIKELYLNYPRSPSSLGSWRREVDNVLTEFNKSLS
;
_entity_poly.pdbx_strand_id   A
#
loop_
_chem_comp.id
_chem_comp.type
_chem_comp.name
_chem_comp.formula
FDA non-polymer 'DIHYDROFLAVINE-ADENINE DINUCLEOTIDE' 'C27 H35 N9 O15 P2'
#
# COMPACT_ATOMS: atom_id res chain seq x y z
N MET A 2 10.55 -16.28 32.42
CA MET A 2 10.08 -17.00 31.24
C MET A 2 11.24 -17.46 30.37
N LYS A 3 10.93 -18.20 29.31
CA LYS A 3 11.94 -18.71 28.39
C LYS A 3 12.46 -17.60 27.47
N GLU A 4 13.78 -17.57 27.27
CA GLU A 4 14.40 -16.56 26.41
C GLU A 4 15.08 -17.19 25.21
N LEU A 5 14.81 -16.64 24.03
CA LEU A 5 15.45 -17.11 22.80
C LEU A 5 16.13 -15.94 22.09
N LYS A 6 17.18 -16.24 21.34
CA LYS A 6 17.94 -15.20 20.64
C LYS A 6 18.00 -15.47 19.13
N TYR A 7 17.43 -14.54 18.37
CA TYR A 7 17.47 -14.61 16.91
C TYR A 7 18.17 -13.38 16.35
N ASP A 8 18.60 -13.46 15.09
CA ASP A 8 19.23 -12.33 14.42
C ASP A 8 18.20 -11.27 14.07
N VAL A 9 17.11 -11.69 13.44
CA VAL A 9 16.05 -10.79 13.01
C VAL A 9 14.68 -11.30 13.44
N LEU A 10 13.84 -10.40 13.94
CA LEU A 10 12.47 -10.74 14.28
C LEU A 10 11.48 -10.02 13.37
N ILE A 11 10.72 -10.79 12.60
CA ILE A 11 9.71 -10.22 11.72
C ILE A 11 8.32 -10.40 12.33
N ILE A 12 7.62 -9.29 12.55
CA ILE A 12 6.30 -9.30 13.15
C ILE A 12 5.21 -9.02 12.11
N GLY A 13 4.54 -10.06 11.66
CA GLY A 13 3.52 -9.94 10.64
C GLY A 13 3.86 -10.78 9.43
N GLY A 14 2.95 -11.66 9.03
CA GLY A 14 3.21 -12.59 7.94
C GLY A 14 2.46 -12.30 6.65
N GLY A 15 2.06 -11.04 6.47
CA GLY A 15 1.37 -10.65 5.25
C GLY A 15 2.31 -10.56 4.06
N PHE A 16 1.93 -9.78 3.06
CA PHE A 16 2.76 -9.61 1.87
C PHE A 16 4.08 -8.94 2.22
N ALA A 17 4.05 -7.98 3.13
CA ALA A 17 5.25 -7.27 3.53
C ALA A 17 6.19 -8.17 4.34
N GLY A 18 5.64 -8.80 5.37
CA GLY A 18 6.43 -9.66 6.24
C GLY A 18 7.01 -10.88 5.55
N SER A 19 6.21 -11.53 4.72
CA SER A 19 6.64 -12.75 4.03
C SER A 19 7.71 -12.47 2.99
N SER A 20 7.59 -11.33 2.31
CA SER A 20 8.57 -10.94 1.32
C SER A 20 9.91 -10.62 1.97
N ALA A 21 9.85 -10.04 3.16
CA ALA A 21 11.05 -9.72 3.93
C ALA A 21 11.78 -11.00 4.34
N ALA A 22 11.01 -12.02 4.72
CA ALA A 22 11.58 -13.29 5.13
C ALA A 22 12.12 -14.06 3.94
N TYR A 23 11.49 -13.88 2.78
CA TYR A 23 11.90 -14.55 1.55
C TYR A 23 13.25 -14.02 1.07
N GLN A 24 13.39 -12.71 1.02
CA GLN A 24 14.60 -12.07 0.52
C GLN A 24 15.79 -12.20 1.48
N LEU A 25 15.50 -12.50 2.74
CA LEU A 25 16.55 -12.57 3.76
C LEU A 25 17.09 -13.99 3.95
N SER A 26 16.32 -14.99 3.54
CA SER A 26 16.66 -16.39 3.78
C SER A 26 17.93 -16.83 3.07
N ARG A 27 18.56 -17.87 3.62
CA ARG A 27 19.77 -18.47 3.05
C ARG A 27 20.91 -17.48 2.86
N ARG A 28 21.09 -16.59 3.83
CA ARG A 28 22.16 -15.60 3.75
C ARG A 28 22.84 -15.40 5.10
N GLY A 29 22.90 -16.46 5.90
CA GLY A 29 23.66 -16.47 7.13
C GLY A 29 23.03 -15.77 8.31
N LEU A 30 21.70 -15.73 8.34
CA LEU A 30 20.99 -15.09 9.45
C LEU A 30 19.96 -16.01 10.07
N LYS A 31 19.86 -15.97 11.40
CA LYS A 31 18.85 -16.74 12.13
C LYS A 31 17.57 -15.89 12.27
N ILE A 32 16.54 -16.25 11.50
CA ILE A 32 15.36 -15.42 11.37
C ILE A 32 14.09 -16.07 11.93
N LEU A 33 13.28 -15.27 12.62
CA LEU A 33 11.99 -15.74 13.14
C LEU A 33 10.85 -14.82 12.69
N LEU A 34 9.77 -15.43 12.20
CA LEU A 34 8.59 -14.68 11.77
C LEU A 34 7.36 -15.17 12.53
N VAL A 35 6.53 -14.22 12.97
CA VAL A 35 5.33 -14.56 13.73
C VAL A 35 4.08 -13.90 13.16
N ASP A 36 2.92 -14.51 13.43
CA ASP A 36 1.65 -13.98 12.97
C ASP A 36 0.50 -14.46 13.85
N SER A 37 -0.40 -13.56 14.19
CA SER A 37 -1.49 -13.86 15.12
C SER A 37 -2.48 -14.88 14.57
N LYS A 38 -2.63 -14.89 13.24
CA LYS A 38 -3.59 -15.78 12.58
C LYS A 38 -3.04 -17.21 12.46
N PRO A 39 -3.95 -18.19 12.31
CA PRO A 39 -3.51 -19.55 11.98
C PRO A 39 -2.91 -19.58 10.58
N TRP A 40 -2.08 -20.58 10.28
CA TRP A 40 -1.39 -20.65 8.99
C TRP A 40 -2.34 -20.61 7.80
N ASN A 41 -3.50 -21.24 7.95
CA ASN A 41 -4.47 -21.32 6.87
C ASN A 41 -5.22 -20.00 6.65
N ARG A 42 -5.06 -19.06 7.56
CA ARG A 42 -5.74 -17.77 7.47
C ARG A 42 -4.78 -16.59 7.31
N ILE A 43 -3.49 -16.89 7.16
CA ILE A 43 -2.50 -15.83 7.02
C ILE A 43 -2.62 -15.13 5.68
N GLY A 44 -2.85 -13.82 5.72
CA GLY A 44 -2.95 -13.01 4.51
C GLY A 44 -4.36 -12.96 3.96
N ASP A 45 -5.34 -13.19 4.82
CA ASP A 45 -6.74 -13.15 4.40
C ASP A 45 -7.38 -11.82 4.70
N LYS A 46 -6.56 -10.80 4.93
CA LYS A 46 -7.05 -9.44 5.14
C LYS A 46 -7.84 -9.00 3.90
N PRO A 47 -9.03 -8.44 4.10
CA PRO A 47 -9.88 -7.94 3.02
C PRO A 47 -9.10 -7.15 1.99
N CYS A 48 -9.15 -7.59 0.74
CA CYS A 48 -8.32 -7.00 -0.31
C CYS A 48 -8.89 -7.23 -1.70
N GLY A 49 -8.53 -6.38 -2.64
CA GLY A 49 -8.98 -6.50 -4.01
C GLY A 49 -8.23 -7.60 -4.75
N ASP A 50 -7.14 -8.05 -4.16
CA ASP A 50 -6.34 -9.16 -4.68
C ASP A 50 -5.82 -8.91 -6.11
N ALA A 51 -5.66 -7.65 -6.47
CA ALA A 51 -5.16 -7.30 -7.80
C ALA A 51 -3.76 -6.73 -7.72
N VAL A 52 -2.79 -7.50 -8.21
CA VAL A 52 -1.39 -7.09 -8.17
C VAL A 52 -0.75 -7.13 -9.56
N SER A 53 0.01 -6.08 -9.88
CA SER A 53 0.71 -6.00 -11.15
C SER A 53 1.77 -7.10 -11.29
N LYS A 54 2.04 -7.52 -12.53
CA LYS A 54 3.02 -8.56 -12.79
C LYS A 54 4.44 -8.02 -12.67
N ALA A 55 4.60 -6.72 -12.92
CA ALA A 55 5.92 -6.08 -12.91
C ALA A 55 6.59 -6.18 -11.54
N HIS A 56 5.78 -6.17 -10.48
CA HIS A 56 6.30 -6.25 -9.13
C HIS A 56 6.98 -7.59 -8.86
N PHE A 57 6.47 -8.65 -9.52
CA PHE A 57 7.02 -9.98 -9.33
C PHE A 57 8.33 -10.17 -10.09
N ASP A 58 8.49 -9.45 -11.20
CA ASP A 58 9.68 -9.54 -12.03
C ASP A 58 10.85 -8.75 -11.44
N LYS A 59 10.58 -7.53 -11.00
CA LYS A 59 11.61 -6.65 -10.47
C LYS A 59 12.28 -7.21 -9.22
N LEU A 60 11.48 -7.79 -8.33
CA LEU A 60 11.96 -8.22 -7.03
C LEU A 60 12.43 -9.68 -7.01
N GLY A 61 12.26 -10.37 -8.13
CA GLY A 61 12.63 -11.77 -8.20
C GLY A 61 11.69 -12.64 -7.38
N MET A 62 10.43 -12.20 -7.28
CA MET A 62 9.42 -12.93 -6.54
C MET A 62 8.77 -13.99 -7.43
N PRO A 63 8.52 -15.18 -6.88
CA PRO A 63 7.92 -16.28 -7.64
C PRO A 63 6.51 -15.96 -8.14
N TYR A 64 6.24 -16.29 -9.40
CA TYR A 64 4.92 -16.07 -9.99
C TYR A 64 3.84 -16.89 -9.29
N PRO A 65 2.65 -16.28 -9.09
CA PRO A 65 1.49 -17.00 -8.56
C PRO A 65 0.96 -18.01 -9.56
N LYS A 66 1.12 -19.29 -9.27
CA LYS A 66 0.67 -20.35 -10.16
C LYS A 66 -0.35 -21.26 -9.51
N GLY A 67 -1.12 -21.96 -10.33
CA GLY A 67 -2.12 -22.89 -9.85
C GLY A 67 -3.31 -22.19 -9.21
N GLU A 68 -3.67 -22.65 -8.02
CA GLU A 68 -4.83 -22.11 -7.31
C GLU A 68 -4.54 -20.71 -6.74
N GLU A 69 -3.26 -20.35 -6.70
CA GLU A 69 -2.84 -19.05 -6.21
C GLU A 69 -3.21 -17.94 -7.18
N LEU A 70 -3.33 -18.30 -8.45
CA LEU A 70 -3.75 -17.36 -9.48
C LEU A 70 -5.16 -17.69 -9.95
N GLU A 71 -6.13 -16.86 -9.55
CA GLU A 71 -7.52 -17.10 -9.89
C GLU A 71 -7.86 -16.60 -11.28
N ASN A 72 -7.29 -15.45 -11.66
CA ASN A 72 -7.56 -14.87 -12.96
C ASN A 72 -6.43 -13.99 -13.47
N LYS A 73 -6.14 -14.09 -14.76
CA LYS A 73 -5.11 -13.26 -15.38
C LYS A 73 -5.71 -11.92 -15.82
N ILE A 74 -4.99 -10.83 -15.55
CA ILE A 74 -5.46 -9.50 -15.90
C ILE A 74 -4.58 -8.89 -17.00
N ASN A 75 -5.22 -8.35 -18.02
CA ASN A 75 -4.49 -7.74 -19.13
C ASN A 75 -4.69 -6.23 -19.20
N GLY A 76 -5.63 -5.72 -18.41
CA GLY A 76 -5.90 -4.30 -18.42
C GLY A 76 -6.94 -3.81 -17.42
N ILE A 77 -7.12 -2.49 -17.38
CA ILE A 77 -8.07 -1.85 -16.48
C ILE A 77 -8.98 -0.89 -17.23
N LYS A 78 -10.28 -0.97 -16.98
CA LYS A 78 -11.22 -0.03 -17.57
C LYS A 78 -11.65 1.02 -16.54
N LEU A 79 -11.39 2.29 -16.85
CA LEU A 79 -11.73 3.39 -15.97
C LEU A 79 -13.02 4.09 -16.43
N TYR A 80 -14.01 4.15 -15.54
CA TYR A 80 -15.31 4.73 -15.88
C TYR A 80 -15.50 6.12 -15.27
N SER A 81 -16.12 7.00 -16.05
CA SER A 81 -16.44 8.35 -15.59
C SER A 81 -17.70 8.35 -14.73
N PRO A 82 -17.89 9.39 -13.91
CA PRO A 82 -19.09 9.54 -13.07
C PRO A 82 -20.41 9.36 -13.82
N ASP A 83 -20.50 9.89 -15.04
CA ASP A 83 -21.74 9.78 -15.82
C ASP A 83 -21.72 8.56 -16.74
N MET A 84 -20.70 7.73 -16.60
CA MET A 84 -20.56 6.49 -17.37
C MET A 84 -20.47 6.72 -18.88
N GLN A 85 -20.21 7.95 -19.28
CA GLN A 85 -20.17 8.31 -20.70
C GLN A 85 -18.79 8.11 -21.31
N THR A 86 -17.75 8.23 -20.47
CA THR A 86 -16.38 8.06 -20.93
C THR A 86 -15.72 6.86 -20.25
N VAL A 87 -15.17 5.96 -21.05
CA VAL A 87 -14.50 4.78 -20.53
C VAL A 87 -13.09 4.65 -21.08
N TRP A 88 -12.11 4.94 -20.24
CA TRP A 88 -10.71 4.81 -20.61
C TRP A 88 -10.25 3.36 -20.45
N THR A 89 -9.36 2.92 -21.35
CA THR A 89 -8.82 1.57 -21.28
C THR A 89 -7.30 1.59 -21.09
N VAL A 90 -6.86 1.07 -19.96
CA VAL A 90 -5.44 1.00 -19.64
C VAL A 90 -4.97 -0.45 -19.67
N ASN A 91 -3.99 -0.75 -20.52
CA ASN A 91 -3.49 -2.11 -20.65
C ASN A 91 -2.25 -2.36 -19.80
N GLY A 92 -2.10 -3.60 -19.34
CA GLY A 92 -0.98 -3.99 -18.50
C GLY A 92 -1.27 -5.31 -17.81
N GLU A 93 -0.29 -6.20 -17.81
CA GLU A 93 -0.47 -7.53 -17.24
C GLU A 93 -0.45 -7.51 -15.71
N GLY A 94 -1.41 -8.19 -15.11
CA GLY A 94 -1.51 -8.28 -13.66
C GLY A 94 -2.12 -9.59 -13.22
N PHE A 95 -2.25 -9.78 -11.91
CA PHE A 95 -2.77 -11.03 -11.37
C PHE A 95 -3.90 -10.82 -10.38
N GLU A 96 -5.02 -11.50 -10.60
CA GLU A 96 -6.07 -11.60 -9.59
C GLU A 96 -5.73 -12.80 -8.70
N LEU A 97 -5.40 -12.51 -7.44
CA LEU A 97 -4.79 -13.50 -6.57
C LEU A 97 -5.73 -14.16 -5.58
N ASN A 98 -5.44 -15.41 -5.27
CA ASN A 98 -5.93 -16.03 -4.05
C ASN A 98 -4.90 -15.68 -2.99
N ALA A 99 -5.00 -14.45 -2.48
CA ALA A 99 -3.98 -13.85 -1.62
C ALA A 99 -3.47 -14.75 -0.48
N PRO A 100 -4.38 -15.42 0.26
CA PRO A 100 -3.84 -16.29 1.31
C PRO A 100 -3.04 -17.48 0.77
N LEU A 101 -3.48 -18.06 -0.35
CA LEU A 101 -2.81 -19.22 -0.92
C LEU A 101 -1.39 -18.89 -1.40
N TYR A 102 -1.22 -17.73 -2.01
CA TYR A 102 0.10 -17.31 -2.47
C TYR A 102 0.96 -16.85 -1.30
N ASN A 103 0.34 -16.17 -0.34
CA ASN A 103 1.06 -15.66 0.83
C ASN A 103 1.63 -16.79 1.67
N GLN A 104 0.94 -17.92 1.68
CA GLN A 104 1.37 -19.07 2.48
C GLN A 104 2.48 -19.86 1.78
N ARG A 105 2.51 -19.80 0.44
CA ARG A 105 3.58 -20.47 -0.30
C ARG A 105 4.89 -19.73 -0.12
N VAL A 106 4.82 -18.40 -0.16
CA VAL A 106 5.99 -17.56 0.08
C VAL A 106 6.55 -17.83 1.48
N LEU A 107 5.65 -18.01 2.44
CA LEU A 107 6.04 -18.37 3.80
C LEU A 107 6.65 -19.77 3.84
N LYS A 108 5.97 -20.73 3.23
CA LYS A 108 6.43 -22.12 3.24
C LYS A 108 7.79 -22.26 2.56
N GLU A 109 7.98 -21.57 1.44
CA GLU A 109 9.26 -21.60 0.74
C GLU A 109 10.36 -21.01 1.60
N ALA A 110 10.07 -19.88 2.25
CA ALA A 110 11.02 -19.25 3.15
C ALA A 110 11.33 -20.15 4.34
N GLN A 111 10.34 -20.94 4.74
CA GLN A 111 10.51 -21.89 5.84
C GLN A 111 11.44 -23.02 5.43
N ASP A 112 11.41 -23.37 4.15
CA ASP A 112 12.26 -24.43 3.61
C ASP A 112 13.67 -23.92 3.37
N ARG A 113 13.86 -22.60 3.49
CA ARG A 113 15.16 -21.99 3.25
C ARG A 113 15.88 -21.65 4.56
N GLY A 114 15.25 -21.94 5.69
CA GLY A 114 15.89 -21.78 6.98
C GLY A 114 15.18 -20.84 7.95
N VAL A 115 14.13 -20.17 7.46
CA VAL A 115 13.39 -19.23 8.29
C VAL A 115 12.35 -19.95 9.16
N GLU A 116 12.42 -19.74 10.47
CA GLU A 116 11.47 -20.34 11.39
C GLU A 116 10.21 -19.49 11.50
N ILE A 117 9.05 -20.13 11.43
CA ILE A 117 7.77 -19.43 11.46
C ILE A 117 6.83 -19.96 12.53
N TRP A 118 6.31 -19.07 13.36
CA TRP A 118 5.35 -19.43 14.40
C TRP A 118 3.98 -18.81 14.14
N ASP A 119 2.99 -19.64 13.83
CA ASP A 119 1.63 -19.14 13.64
C ASP A 119 0.91 -19.08 14.98
N LEU A 120 -0.21 -18.35 15.01
CA LEU A 120 -0.98 -18.13 16.24
C LEU A 120 -0.13 -17.47 17.33
N THR A 121 0.87 -16.71 16.89
CA THR A 121 1.78 -16.02 17.82
C THR A 121 1.64 -14.52 17.71
N THR A 122 1.33 -13.87 18.82
CA THR A 122 1.09 -12.42 18.82
C THR A 122 2.17 -11.66 19.56
N ALA A 123 2.79 -10.70 18.88
CA ALA A 123 3.77 -9.82 19.51
C ALA A 123 3.06 -8.83 20.43
N MET A 124 3.19 -9.05 21.73
CA MET A 124 2.51 -8.21 22.72
C MET A 124 3.34 -7.02 23.14
N LYS A 125 4.37 -7.27 23.96
CA LYS A 125 5.20 -6.20 24.50
C LYS A 125 6.53 -6.08 23.77
N PRO A 126 6.86 -4.87 23.30
CA PRO A 126 8.16 -4.57 22.70
C PRO A 126 9.28 -4.54 23.73
N ILE A 127 10.42 -5.14 23.41
CA ILE A 127 11.59 -5.07 24.27
C ILE A 127 12.42 -3.85 23.91
N PHE A 128 12.31 -2.80 24.73
CA PHE A 128 13.05 -1.56 24.48
C PHE A 128 13.99 -1.26 25.63
N GLU A 129 15.27 -1.53 25.42
CA GLU A 129 16.28 -1.32 26.45
C GLU A 129 17.47 -0.54 25.92
N ASP A 130 17.94 0.41 26.72
CA ASP A 130 19.09 1.25 26.39
C ASP A 130 18.88 2.02 25.10
N GLY A 131 17.66 2.51 24.90
CA GLY A 131 17.35 3.32 23.74
C GLY A 131 17.37 2.56 22.42
N TYR A 132 17.17 1.25 22.48
CA TYR A 132 17.19 0.40 21.30
C TYR A 132 16.06 -0.61 21.31
N VAL A 133 15.57 -0.98 20.14
CA VAL A 133 14.59 -2.06 20.01
C VAL A 133 15.32 -3.39 19.94
N LYS A 134 15.18 -4.21 20.98
CA LYS A 134 15.96 -5.45 21.07
C LYS A 134 15.08 -6.71 21.07
N GLY A 135 13.90 -6.61 20.49
CA GLY A 135 13.03 -7.77 20.37
C GLY A 135 11.61 -7.52 20.85
N ALA A 136 10.90 -8.61 21.15
CA ALA A 136 9.51 -8.52 21.58
C ALA A 136 9.11 -9.69 22.46
N VAL A 137 8.03 -9.50 23.22
CA VAL A 137 7.46 -10.57 24.03
C VAL A 137 6.30 -11.23 23.30
N LEU A 138 6.51 -12.45 22.84
CA LEU A 138 5.52 -13.15 22.02
C LEU A 138 4.62 -14.06 22.85
N PHE A 139 3.41 -14.28 22.36
CA PHE A 139 2.50 -15.23 23.00
C PHE A 139 1.99 -16.27 22.01
N ASN A 140 2.60 -17.46 22.07
CA ASN A 140 2.20 -18.56 21.22
C ASN A 140 1.06 -19.36 21.86
N ARG A 141 -0.17 -19.07 21.45
CA ARG A 141 -1.34 -19.72 22.06
C ARG A 141 -1.55 -21.14 21.54
N ARG A 142 -0.73 -21.55 20.58
CA ARG A 142 -0.75 -22.93 20.12
C ARG A 142 -0.12 -23.84 21.17
N THR A 143 0.88 -23.31 21.86
CA THR A 143 1.54 -24.04 22.94
C THR A 143 1.31 -23.33 24.27
N ASN A 144 0.54 -22.25 24.24
CA ASN A 144 0.23 -21.43 25.41
C ASN A 144 1.49 -20.95 26.13
N GLU A 145 2.52 -20.61 25.36
CA GLU A 145 3.76 -20.10 25.92
C GLU A 145 3.87 -18.59 25.77
N GLU A 146 4.56 -17.95 26.72
CA GLU A 146 4.87 -16.54 26.64
C GLU A 146 6.37 -16.37 26.58
N LEU A 147 6.92 -16.29 25.36
CA LEU A 147 8.36 -16.28 25.16
C LEU A 147 8.91 -14.88 24.98
N THR A 148 10.12 -14.66 25.51
CA THR A 148 10.84 -13.40 25.28
C THR A 148 11.92 -13.61 24.24
N VAL A 149 11.76 -12.99 23.08
CA VAL A 149 12.69 -13.18 21.96
C VAL A 149 13.52 -11.92 21.70
N TYR A 150 14.83 -12.05 21.91
CA TYR A 150 15.75 -10.95 21.64
C TYR A 150 16.22 -10.99 20.19
N SER A 151 16.27 -9.82 19.56
CA SER A 151 16.69 -9.73 18.16
C SER A 151 17.47 -8.44 17.92
N LYS A 152 18.36 -8.48 16.93
CA LYS A 152 19.15 -7.31 16.59
C LYS A 152 18.31 -6.29 15.82
N VAL A 153 17.45 -6.79 14.94
CA VAL A 153 16.55 -5.94 14.17
C VAL A 153 15.12 -6.50 14.17
N VAL A 154 14.17 -5.65 14.53
CA VAL A 154 12.76 -6.02 14.49
C VAL A 154 12.08 -5.45 13.25
N VAL A 155 11.61 -6.35 12.38
CA VAL A 155 10.88 -5.93 11.19
C VAL A 155 9.39 -5.81 11.51
N GLU A 156 8.88 -4.59 11.43
CA GLU A 156 7.48 -4.33 11.77
C GLU A 156 6.61 -4.36 10.51
N ALA A 157 5.77 -5.38 10.42
CA ALA A 157 4.86 -5.54 9.29
C ALA A 157 3.50 -6.02 9.77
N THR A 158 2.94 -5.32 10.75
CA THR A 158 1.69 -5.74 11.37
C THR A 158 0.46 -5.23 10.64
N GLY A 159 0.66 -4.69 9.44
CA GLY A 159 -0.44 -4.17 8.65
C GLY A 159 -0.84 -2.77 9.09
N TYR A 160 -2.06 -2.37 8.74
CA TYR A 160 -2.52 -1.02 9.05
C TYR A 160 -2.71 -0.84 10.55
N SER A 161 -2.90 -1.94 11.25
CA SER A 161 -3.17 -1.91 12.69
C SER A 161 -2.00 -1.33 13.47
N ARG A 162 -0.80 -1.41 12.89
CA ARG A 162 0.47 -0.99 13.52
C ARG A 162 0.47 -1.24 15.03
N SER A 163 0.21 -2.48 15.41
CA SER A 163 0.02 -2.85 16.81
C SER A 163 1.31 -2.88 17.62
N PHE A 164 2.44 -3.11 16.96
CA PHE A 164 3.70 -3.23 17.67
C PHE A 164 4.42 -1.90 17.83
N ARG A 165 4.61 -1.18 16.73
CA ARG A 165 5.37 0.06 16.75
C ARG A 165 4.62 1.19 17.46
N SER A 166 3.32 0.99 17.69
CA SER A 166 2.52 1.97 18.42
C SER A 166 2.67 1.81 19.92
N LYS A 167 3.37 0.77 20.34
CA LYS A 167 3.61 0.52 21.77
C LYS A 167 5.00 0.99 22.17
N LEU A 168 5.77 1.46 21.19
CA LEU A 168 7.09 2.02 21.43
C LEU A 168 7.00 3.46 21.92
N PRO A 169 8.04 3.95 22.61
CA PRO A 169 8.08 5.34 23.10
C PRO A 169 7.82 6.37 21.99
N PRO A 170 7.07 7.44 22.31
CA PRO A 170 6.68 8.48 21.36
C PRO A 170 7.83 9.33 20.86
N GLU A 171 8.96 9.28 21.54
CA GLU A 171 10.14 10.06 21.15
C GLU A 171 10.78 9.48 19.89
N LEU A 172 10.45 8.25 19.56
CA LEU A 172 10.97 7.61 18.35
C LEU A 172 10.20 8.09 17.12
N PRO A 173 10.94 8.50 16.08
CA PRO A 173 10.34 8.91 14.80
C PRO A 173 9.62 7.75 14.12
N ILE A 174 9.96 6.54 14.51
CA ILE A 174 9.38 5.33 13.94
C ILE A 174 7.96 5.08 14.44
N THR A 175 7.50 5.95 15.35
CA THR A 175 6.16 5.83 15.92
C THR A 175 5.20 6.86 15.34
N GLU A 176 5.54 7.39 14.18
CA GLU A 176 4.70 8.37 13.49
C GLU A 176 3.32 7.77 13.20
N ASP A 177 2.28 8.47 13.65
CA ASP A 177 0.91 7.98 13.50
C ASP A 177 0.32 8.36 12.15
N LEU A 178 -0.90 7.89 11.91
CA LEU A 178 -1.57 8.15 10.64
C LEU A 178 -2.73 9.13 10.81
N ASP A 179 -2.65 10.26 10.10
CA ASP A 179 -3.72 11.24 10.13
C ASP A 179 -4.96 10.67 9.46
N ASP A 180 -6.14 11.03 9.97
CA ASP A 180 -7.39 10.47 9.50
C ASP A 180 -7.64 10.74 8.02
N LYS A 181 -7.28 11.93 7.56
CA LYS A 181 -7.53 12.32 6.17
C LYS A 181 -6.47 11.77 5.23
N ASP A 182 -5.41 11.18 5.79
CA ASP A 182 -4.35 10.59 4.99
C ASP A 182 -4.57 9.09 4.79
N ALA A 183 -5.82 8.67 4.89
CA ALA A 183 -6.17 7.27 4.72
C ALA A 183 -7.59 7.10 4.20
N ASP A 184 -7.86 5.94 3.62
CA ASP A 184 -9.19 5.59 3.14
C ASP A 184 -9.70 4.33 3.81
N VAL A 185 -11.01 4.29 4.07
CA VAL A 185 -11.64 3.06 4.53
C VAL A 185 -12.23 2.34 3.33
N ALA A 186 -11.90 1.06 3.19
CA ALA A 186 -12.32 0.28 2.03
C ALA A 186 -13.05 -0.99 2.45
N TYR A 187 -14.00 -1.41 1.61
CA TYR A 187 -14.82 -2.59 1.88
C TYR A 187 -15.04 -3.37 0.59
N ARG A 188 -14.98 -4.70 0.67
CA ARG A 188 -15.14 -5.52 -0.52
C ARG A 188 -15.89 -6.83 -0.25
N GLU A 189 -16.48 -7.37 -1.31
CA GLU A 189 -17.13 -8.68 -1.26
C GLU A 189 -16.77 -9.48 -2.50
N VAL A 190 -16.78 -10.80 -2.37
CA VAL A 190 -16.54 -11.68 -3.52
C VAL A 190 -17.77 -12.54 -3.77
N LEU A 191 -18.47 -12.28 -4.87
CA LEU A 191 -19.70 -12.99 -5.19
C LEU A 191 -19.63 -13.70 -6.54
N LEU A 192 -20.50 -14.68 -6.73
CA LEU A 192 -20.66 -15.32 -8.02
C LEU A 192 -21.69 -14.56 -8.84
N THR A 193 -21.50 -14.51 -10.15
CA THR A 193 -22.36 -13.72 -11.03
C THR A 193 -23.40 -14.59 -11.73
N LYS A 194 -24.58 -14.02 -11.95
CA LYS A 194 -25.64 -14.72 -12.64
C LYS A 194 -25.26 -15.00 -14.09
N GLU A 195 -24.72 -13.99 -14.76
CA GLU A 195 -24.25 -14.12 -16.12
C GLU A 195 -22.72 -14.10 -16.16
N ASP A 196 -22.15 -14.54 -17.27
CA ASP A 196 -20.70 -14.52 -17.44
C ASP A 196 -20.20 -13.08 -17.55
N ILE A 197 -19.03 -12.83 -16.97
CA ILE A 197 -18.48 -11.49 -16.93
C ILE A 197 -17.88 -11.08 -18.28
N GLU A 198 -18.42 -10.02 -18.86
CA GLU A 198 -17.90 -9.47 -20.11
C GLU A 198 -16.51 -8.87 -19.88
N ASP A 199 -15.54 -9.29 -20.69
CA ASP A 199 -14.15 -8.90 -20.54
C ASP A 199 -13.67 -9.20 -19.12
N HIS A 200 -13.64 -10.47 -18.76
CA HIS A 200 -13.30 -10.88 -17.40
C HIS A 200 -11.80 -10.80 -17.14
N ASP A 201 -11.05 -10.41 -18.16
CA ASP A 201 -9.60 -10.22 -18.01
C ASP A 201 -9.29 -8.74 -17.80
N TYR A 202 -10.33 -7.93 -17.70
CA TYR A 202 -10.17 -6.50 -17.51
C TYR A 202 -10.83 -6.03 -16.21
N LEU A 203 -10.05 -5.31 -15.40
CA LEU A 203 -10.57 -4.74 -14.15
C LEU A 203 -11.39 -3.49 -14.44
N ARG A 204 -12.47 -3.30 -13.69
CA ARG A 204 -13.29 -2.11 -13.84
C ARG A 204 -13.17 -1.21 -12.62
N ILE A 205 -12.85 0.06 -12.86
CA ILE A 205 -12.72 1.04 -11.80
C ILE A 205 -13.65 2.23 -12.05
N PHE A 206 -14.54 2.50 -11.11
CA PHE A 206 -15.57 3.52 -11.31
C PHE A 206 -15.32 4.77 -10.47
N PHE A 207 -15.19 5.90 -11.15
CA PHE A 207 -14.98 7.19 -10.51
C PHE A 207 -16.30 7.87 -10.21
N ASP A 208 -16.52 8.24 -8.95
CA ASP A 208 -17.73 8.95 -8.55
C ASP A 208 -17.59 9.50 -7.14
N GLN A 209 -17.64 10.82 -7.01
CA GLN A 209 -17.46 11.47 -5.72
C GLN A 209 -18.73 11.49 -4.88
N GLU A 210 -19.80 10.92 -5.41
CA GLU A 210 -21.07 10.83 -4.68
C GLU A 210 -21.27 9.43 -4.12
N THR A 211 -20.94 8.42 -4.91
CA THR A 211 -21.10 7.03 -4.49
C THR A 211 -19.83 6.52 -3.80
N SER A 212 -18.76 7.30 -3.87
CA SER A 212 -17.51 6.96 -3.21
C SER A 212 -16.60 8.18 -3.09
N PRO A 213 -16.95 9.12 -2.20
CA PRO A 213 -16.19 10.37 -2.05
C PRO A 213 -14.78 10.14 -1.48
N GLY A 214 -13.78 10.62 -2.20
CA GLY A 214 -12.40 10.49 -1.77
C GLY A 214 -11.75 9.21 -2.24
N GLY A 215 -12.51 8.39 -2.95
CA GLY A 215 -12.00 7.14 -3.48
C GLY A 215 -12.73 6.71 -4.75
N TYR A 216 -13.02 5.41 -4.87
CA TYR A 216 -13.71 4.90 -6.04
C TYR A 216 -14.33 3.53 -5.81
N TRP A 217 -15.15 3.10 -6.77
CA TRP A 217 -15.70 1.76 -6.80
C TRP A 217 -14.87 0.87 -7.74
N TRP A 218 -14.83 -0.43 -7.47
CA TRP A 218 -14.10 -1.33 -8.35
C TRP A 218 -14.86 -2.64 -8.62
N TYR A 219 -14.50 -3.28 -9.74
CA TYR A 219 -15.12 -4.52 -10.16
C TYR A 219 -14.03 -5.45 -10.68
N PHE A 220 -13.51 -6.31 -9.80
CA PHE A 220 -12.37 -7.17 -10.15
C PHE A 220 -12.79 -8.62 -10.35
N PRO A 221 -12.86 -9.06 -11.61
CA PRO A 221 -13.23 -10.44 -11.94
C PRO A 221 -12.17 -11.45 -11.52
N LYS A 222 -12.55 -12.41 -10.69
CA LYS A 222 -11.65 -13.50 -10.29
C LYS A 222 -11.82 -14.70 -11.22
N GLY A 223 -12.73 -14.56 -12.18
CA GLY A 223 -12.99 -15.63 -13.14
C GLY A 223 -14.05 -15.21 -14.13
N LYS A 224 -14.68 -16.18 -14.77
CA LYS A 224 -15.74 -15.89 -15.73
C LYS A 224 -17.06 -15.63 -15.02
N ASN A 225 -17.19 -16.16 -13.80
CA ASN A 225 -18.43 -16.03 -13.04
C ASN A 225 -18.19 -15.64 -11.58
N LYS A 226 -17.03 -15.08 -11.29
CA LYS A 226 -16.70 -14.67 -9.93
C LYS A 226 -16.02 -13.30 -9.94
N VAL A 227 -16.48 -12.41 -9.06
CA VAL A 227 -15.99 -11.03 -9.07
C VAL A 227 -15.75 -10.47 -7.66
N ASN A 228 -14.65 -9.71 -7.54
CA ASN A 228 -14.37 -8.95 -6.33
C ASN A 228 -14.86 -7.52 -6.49
N VAL A 229 -15.98 -7.20 -5.84
CA VAL A 229 -16.60 -5.88 -5.97
C VAL A 229 -16.65 -5.14 -4.64
N GLY A 230 -16.24 -3.87 -4.65
CA GLY A 230 -16.26 -3.05 -3.45
C GLY A 230 -15.99 -1.59 -3.73
N LEU A 231 -15.64 -0.84 -2.68
CA LEU A 231 -15.37 0.58 -2.80
C LEU A 231 -14.43 1.08 -1.71
N GLY A 232 -14.08 2.37 -1.79
CA GLY A 232 -13.24 3.00 -0.77
C GLY A 232 -13.53 4.48 -0.71
N ILE A 233 -13.60 5.02 0.51
CA ILE A 233 -13.87 6.44 0.70
C ILE A 233 -12.89 7.05 1.68
N GLN A 234 -12.59 8.33 1.52
CA GLN A 234 -11.62 9.01 2.36
C GLN A 234 -12.13 9.17 3.79
N GLY A 235 -11.28 8.83 4.76
CA GLY A 235 -11.65 8.90 6.15
C GLY A 235 -11.36 10.27 6.76
N GLY A 236 -11.88 10.50 7.97
CA GLY A 236 -11.68 11.76 8.66
C GLY A 236 -12.35 12.92 7.96
N MET A 237 -13.45 12.64 7.26
CA MET A 237 -14.18 13.67 6.52
C MET A 237 -15.59 13.85 7.06
N GLY A 238 -16.09 12.85 7.79
CA GLY A 238 -17.42 12.92 8.37
C GLY A 238 -18.43 12.06 7.65
N TYR A 239 -17.99 11.40 6.57
CA TYR A 239 -18.86 10.54 5.78
C TYR A 239 -19.46 9.43 6.64
N PRO A 240 -20.68 8.98 6.29
CA PRO A 240 -21.31 7.87 7.01
C PRO A 240 -20.58 6.55 6.78
N SER A 241 -21.06 5.47 7.40
CA SER A 241 -20.44 4.16 7.28
C SER A 241 -20.32 3.75 5.82
N ILE A 242 -19.18 3.16 5.47
CA ILE A 242 -18.89 2.76 4.10
C ILE A 242 -19.86 1.67 3.62
N HIS A 243 -20.40 0.91 4.56
CA HIS A 243 -21.35 -0.16 4.21
C HIS A 243 -22.66 0.44 3.69
N GLU A 244 -22.95 1.66 4.10
CA GLU A 244 -24.13 2.36 3.60
C GLU A 244 -23.95 2.72 2.14
N TYR A 245 -22.76 3.21 1.79
CA TYR A 245 -22.42 3.50 0.41
C TYR A 245 -22.44 2.25 -0.45
N TYR A 246 -21.96 1.14 0.14
CA TYR A 246 -21.93 -0.13 -0.56
C TYR A 246 -23.33 -0.64 -0.86
N LYS A 247 -24.16 -0.66 0.18
CA LYS A 247 -25.52 -1.19 0.08
C LYS A 247 -26.40 -0.35 -0.83
N LYS A 248 -26.08 0.94 -0.93
CA LYS A 248 -26.90 1.87 -1.68
C LYS A 248 -26.60 1.86 -3.19
N TYR A 249 -25.33 1.66 -3.54
CA TYR A 249 -24.93 1.74 -4.93
C TYR A 249 -24.28 0.47 -5.48
N LEU A 250 -24.60 -0.67 -4.88
CA LEU A 250 -24.03 -1.94 -5.34
C LEU A 250 -24.56 -2.34 -6.71
N ASP A 251 -25.87 -2.22 -6.88
CA ASP A 251 -26.53 -2.63 -8.12
C ASP A 251 -26.09 -1.79 -9.31
N LYS A 252 -25.65 -0.57 -9.05
CA LYS A 252 -25.20 0.33 -10.12
C LYS A 252 -23.93 -0.17 -10.77
N TYR A 253 -23.01 -0.70 -9.96
CA TYR A 253 -21.71 -1.11 -10.46
C TYR A 253 -21.60 -2.64 -10.53
N ALA A 254 -22.59 -3.33 -9.97
CA ALA A 254 -22.61 -4.79 -10.02
C ALA A 254 -24.04 -5.32 -9.98
N PRO A 255 -24.77 -5.19 -11.10
CA PRO A 255 -26.15 -5.70 -11.17
C PRO A 255 -26.21 -7.18 -11.55
N ASP A 256 -25.07 -7.73 -11.95
CA ASP A 256 -25.01 -9.10 -12.44
C ASP A 256 -24.66 -10.12 -11.35
N VAL A 257 -24.31 -9.62 -10.17
CA VAL A 257 -23.92 -10.49 -9.07
C VAL A 257 -25.11 -11.24 -8.49
N ASP A 258 -24.85 -12.45 -8.00
CA ASP A 258 -25.86 -13.22 -7.30
C ASP A 258 -25.64 -13.06 -5.80
N LYS A 259 -26.52 -12.30 -5.16
CA LYS A 259 -26.36 -11.94 -3.75
C LYS A 259 -26.60 -13.13 -2.81
N SER A 260 -27.02 -14.25 -3.38
CA SER A 260 -27.22 -15.48 -2.60
C SER A 260 -25.95 -16.33 -2.62
N LYS A 261 -25.02 -15.96 -3.48
CA LYS A 261 -23.76 -16.70 -3.61
C LYS A 261 -22.58 -15.87 -3.12
N LEU A 262 -22.73 -15.30 -1.93
CA LEU A 262 -21.65 -14.53 -1.31
C LEU A 262 -20.58 -15.46 -0.75
N LEU A 263 -19.33 -15.26 -1.15
CA LEU A 263 -18.23 -16.09 -0.69
C LEU A 263 -17.57 -15.49 0.54
N VAL A 264 -17.01 -14.30 0.40
CA VAL A 264 -16.40 -13.59 1.54
C VAL A 264 -16.84 -12.13 1.55
N LYS A 265 -16.71 -11.50 2.71
CA LYS A 265 -17.05 -10.08 2.86
C LYS A 265 -16.28 -9.45 4.00
N GLY A 266 -16.03 -8.14 3.89
CA GLY A 266 -15.32 -7.42 4.91
C GLY A 266 -14.53 -6.23 4.37
N GLY A 267 -13.85 -5.52 5.25
CA GLY A 267 -13.09 -4.36 4.86
C GLY A 267 -12.03 -3.97 5.88
N ALA A 268 -11.21 -2.98 5.52
CA ALA A 268 -10.14 -2.52 6.41
C ALA A 268 -9.68 -1.11 6.04
N LEU A 269 -8.81 -0.54 6.86
CA LEU A 269 -8.27 0.79 6.62
C LEU A 269 -7.10 0.74 5.65
N VAL A 270 -7.06 1.69 4.72
CA VAL A 270 -6.00 1.77 3.73
C VAL A 270 -5.27 3.12 3.75
N PRO A 271 -3.98 3.10 4.10
CA PRO A 271 -3.15 4.31 4.08
C PRO A 271 -3.02 4.86 2.67
N THR A 272 -3.19 6.17 2.50
CA THR A 272 -3.03 6.78 1.18
C THR A 272 -2.13 8.02 1.27
N ARG A 273 -0.87 7.80 1.61
CA ARG A 273 0.08 8.90 1.77
C ARG A 273 1.52 8.47 1.52
N ARG A 274 2.43 9.42 1.62
CA ARG A 274 3.86 9.15 1.59
C ARG A 274 4.22 8.16 2.69
N PRO A 275 5.31 7.40 2.51
CA PRO A 275 5.70 6.44 3.55
C PRO A 275 6.14 7.14 4.83
N LEU A 276 6.41 6.38 5.88
CA LEU A 276 6.99 6.94 7.10
C LEU A 276 8.24 7.74 6.73
N TYR A 277 8.39 8.92 7.33
CA TYR A 277 9.52 9.79 7.05
C TYR A 277 10.83 9.04 7.21
N THR A 278 10.87 8.16 8.22
CA THR A 278 11.91 7.14 8.29
C THR A 278 11.26 5.79 8.55
N MET A 279 11.69 4.78 7.80
CA MET A 279 11.11 3.45 7.95
C MET A 279 12.08 2.54 8.70
N ALA A 280 13.09 3.15 9.30
CA ALA A 280 14.09 2.42 10.06
C ALA A 280 14.63 3.27 11.20
N TRP A 281 14.71 2.69 12.39
CA TRP A 281 15.35 3.35 13.52
C TRP A 281 16.21 2.33 14.26
N ASN A 282 16.62 2.67 15.48
CA ASN A 282 17.51 1.82 16.26
C ASN A 282 16.92 0.45 16.56
N GLY A 283 17.35 -0.55 15.80
CA GLY A 283 16.94 -1.92 16.02
C GLY A 283 15.56 -2.25 15.48
N ILE A 284 15.06 -1.44 14.55
CA ILE A 284 13.73 -1.66 14.00
C ILE A 284 13.58 -1.14 12.56
N ILE A 285 12.87 -1.91 11.74
CA ILE A 285 12.45 -1.49 10.41
C ILE A 285 10.94 -1.70 10.28
N VAL A 286 10.25 -0.71 9.71
CA VAL A 286 8.81 -0.83 9.50
C VAL A 286 8.49 -0.92 8.01
N ILE A 287 7.69 -1.90 7.63
CA ILE A 287 7.32 -2.10 6.23
C ILE A 287 5.82 -2.37 6.07
N GLY A 288 5.34 -2.29 4.84
CA GLY A 288 3.94 -2.56 4.55
C GLY A 288 3.00 -1.44 4.93
N ASP A 289 1.75 -1.79 5.23
CA ASP A 289 0.73 -0.83 5.63
C ASP A 289 1.14 -0.07 6.89
N SER A 290 1.93 -0.72 7.73
CA SER A 290 2.39 -0.11 8.98
C SER A 290 3.37 1.02 8.70
N GLY A 291 4.03 0.97 7.55
CA GLY A 291 4.97 2.00 7.15
C GLY A 291 4.39 2.89 6.06
N PHE A 292 3.10 2.72 5.81
CA PHE A 292 2.36 3.51 4.83
C PHE A 292 2.96 3.37 3.43
N THR A 293 3.01 2.14 2.94
CA THR A 293 3.66 1.84 1.67
C THR A 293 2.69 1.86 0.49
N VAL A 294 1.41 2.09 0.78
CA VAL A 294 0.36 2.01 -0.22
C VAL A 294 0.34 3.21 -1.17
N ASN A 295 0.22 2.94 -2.47
CA ASN A 295 0.06 3.96 -3.48
C ASN A 295 -1.14 4.85 -3.16
N PRO A 296 -0.87 6.15 -2.93
CA PRO A 296 -1.90 7.12 -2.50
C PRO A 296 -3.02 7.34 -3.51
N VAL A 297 -2.81 6.95 -4.76
CA VAL A 297 -3.79 7.23 -5.81
C VAL A 297 -4.80 6.10 -6.02
N HIS A 298 -4.31 4.90 -6.33
CA HIS A 298 -5.21 3.78 -6.62
C HIS A 298 -5.32 2.81 -5.44
N GLY A 299 -4.62 3.11 -4.35
CA GLY A 299 -4.74 2.35 -3.13
C GLY A 299 -4.16 0.95 -3.18
N GLY A 300 -3.28 0.70 -4.15
CA GLY A 300 -2.63 -0.59 -4.27
C GLY A 300 -1.36 -0.66 -3.45
N GLY A 301 -1.36 -1.53 -2.44
CA GLY A 301 -0.23 -1.60 -1.53
C GLY A 301 0.36 -2.98 -1.32
N LYS A 302 -0.08 -3.95 -2.11
CA LYS A 302 0.48 -5.30 -2.00
C LYS A 302 1.77 -5.43 -2.79
N GLY A 303 1.85 -4.71 -3.91
CA GLY A 303 3.07 -4.70 -4.71
C GLY A 303 4.18 -3.94 -4.01
N SER A 304 3.84 -2.78 -3.47
CA SER A 304 4.81 -1.94 -2.79
C SER A 304 5.23 -2.52 -1.44
N ALA A 305 4.39 -3.38 -0.87
CA ALA A 305 4.73 -4.07 0.37
C ALA A 305 5.90 -5.01 0.13
N MET A 306 5.85 -5.73 -0.99
CA MET A 306 6.92 -6.66 -1.35
C MET A 306 8.21 -5.91 -1.65
N ILE A 307 8.07 -4.67 -2.09
CA ILE A 307 9.22 -3.81 -2.35
C ILE A 307 9.87 -3.38 -1.04
N SER A 308 9.05 -3.02 -0.06
CA SER A 308 9.55 -2.61 1.24
C SER A 308 10.26 -3.75 1.95
N GLY A 309 9.77 -4.97 1.76
CA GLY A 309 10.38 -6.15 2.34
C GLY A 309 11.72 -6.44 1.69
N TYR A 310 11.80 -6.19 0.38
CA TYR A 310 13.03 -6.32 -0.38
C TYR A 310 14.09 -5.36 0.15
N CYS A 311 13.69 -4.12 0.39
CA CYS A 311 14.59 -3.08 0.88
C CYS A 311 14.95 -3.32 2.35
N ALA A 312 14.05 -3.94 3.09
CA ALA A 312 14.32 -4.28 4.48
C ALA A 312 15.43 -5.31 4.55
N ALA A 313 15.34 -6.31 3.67
CA ALA A 313 16.35 -7.37 3.60
C ALA A 313 17.72 -6.81 3.22
N LYS A 314 17.74 -5.90 2.25
CA LYS A 314 18.98 -5.28 1.80
C LYS A 314 19.62 -4.46 2.93
N ALA A 315 18.79 -3.70 3.64
CA ALA A 315 19.26 -2.85 4.73
C ALA A 315 19.80 -3.66 5.89
N ILE A 316 19.12 -4.76 6.21
CA ILE A 316 19.52 -5.62 7.32
C ILE A 316 20.84 -6.32 7.03
N LEU A 317 21.01 -6.81 5.80
CA LEU A 317 22.26 -7.44 5.40
C LEU A 317 23.41 -6.44 5.44
N SER A 318 23.10 -5.18 5.17
CA SER A 318 24.09 -4.11 5.23
C SER A 318 24.40 -3.75 6.69
N ALA A 319 23.41 -3.92 7.55
CA ALA A 319 23.58 -3.64 8.98
C ALA A 319 24.55 -4.62 9.61
N PHE A 320 24.31 -5.92 9.37
CA PHE A 320 25.20 -6.96 9.88
C PHE A 320 26.59 -6.86 9.26
N GLU A 321 26.67 -6.26 8.07
CA GLU A 321 27.94 -6.10 7.38
C GLU A 321 28.83 -5.04 8.03
N THR A 322 28.26 -4.28 8.95
CA THR A 322 29.02 -3.23 9.63
C THR A 322 28.92 -3.36 11.14
N GLY A 323 28.07 -4.29 11.60
CA GLY A 323 27.83 -4.45 13.02
C GLY A 323 27.10 -3.25 13.59
N ASP A 324 26.34 -2.57 12.73
CA ASP A 324 25.63 -1.36 13.11
C ASP A 324 24.12 -1.57 12.96
N PHE A 325 23.42 -1.61 14.09
CA PHE A 325 21.97 -1.81 14.06
C PHE A 325 21.24 -0.55 14.51
N SER A 326 21.94 0.57 14.45
CA SER A 326 21.33 1.87 14.74
C SER A 326 20.50 2.33 13.56
N ALA A 327 19.90 3.50 13.67
CA ALA A 327 19.15 4.09 12.55
C ALA A 327 20.10 4.40 11.41
N SER A 328 21.31 4.82 11.76
CA SER A 328 22.34 5.13 10.77
C SER A 328 22.84 3.87 10.09
N GLY A 329 22.67 2.73 10.76
CA GLY A 329 23.12 1.45 10.22
C GLY A 329 22.08 0.79 9.34
N LEU A 330 20.80 1.04 9.64
CA LEU A 330 19.70 0.49 8.85
C LEU A 330 19.12 1.53 7.90
N TRP A 331 19.89 2.59 7.67
CA TRP A 331 19.38 3.75 6.93
C TRP A 331 19.23 3.48 5.43
N ASP A 332 19.79 2.37 4.96
CA ASP A 332 19.67 2.00 3.55
C ASP A 332 18.24 1.59 3.23
N MET A 333 17.49 1.23 4.26
CA MET A 333 16.07 0.90 4.10
C MET A 333 15.30 2.07 3.52
N ASN A 334 15.58 3.26 4.04
CA ASN A 334 14.92 4.47 3.56
C ASN A 334 15.41 4.84 2.17
N ILE A 335 16.71 4.73 1.95
CA ILE A 335 17.30 5.08 0.65
C ILE A 335 16.82 4.14 -0.45
N CYS A 336 16.79 2.85 -0.14
CA CYS A 336 16.33 1.83 -1.09
C CYS A 336 14.86 2.01 -1.45
N TYR A 337 14.00 2.13 -0.44
CA TYR A 337 12.57 2.17 -0.68
C TYR A 337 12.12 3.47 -1.36
N VAL A 338 12.73 4.59 -0.97
CA VAL A 338 12.38 5.88 -1.57
C VAL A 338 12.66 5.86 -3.07
N ASN A 339 13.83 5.37 -3.46
CA ASN A 339 14.19 5.26 -4.87
C ASN A 339 13.33 4.24 -5.61
N GLU A 340 12.83 3.24 -4.88
CA GLU A 340 12.05 2.18 -5.51
C GLU A 340 10.56 2.50 -5.62
N TYR A 341 10.01 3.19 -4.62
CA TYR A 341 8.58 3.46 -4.59
C TYR A 341 8.22 4.67 -3.74
N GLY A 342 9.07 4.99 -2.76
CA GLY A 342 8.79 6.05 -1.81
C GLY A 342 8.67 7.44 -2.41
N ALA A 343 9.58 7.77 -3.33
CA ALA A 343 9.57 9.08 -3.98
C ALA A 343 8.30 9.25 -4.82
N LYS A 344 7.83 8.15 -5.40
CA LYS A 344 6.60 8.16 -6.18
C LYS A 344 5.40 8.43 -5.28
N GLN A 345 5.39 7.82 -4.10
CA GLN A 345 4.30 7.99 -3.16
C GLN A 345 4.13 9.44 -2.75
N ALA A 346 5.24 10.08 -2.38
CA ALA A 346 5.24 11.46 -1.94
C ALA A 346 4.64 12.38 -3.00
N SER A 347 4.99 12.11 -4.26
CA SER A 347 4.46 12.88 -5.38
C SER A 347 2.96 12.62 -5.52
N LEU A 348 2.58 11.35 -5.46
CA LEU A 348 1.17 10.95 -5.58
C LEU A 348 0.36 11.39 -4.36
N ASP A 349 1.04 11.55 -3.23
CA ASP A 349 0.42 12.06 -2.02
C ASP A 349 -0.19 13.44 -2.30
N ILE A 350 0.54 14.26 -3.03
CA ILE A 350 0.08 15.58 -3.41
C ILE A 350 -1.01 15.49 -4.48
N PHE A 351 -0.83 14.58 -5.43
CA PHE A 351 -1.79 14.42 -6.52
C PHE A 351 -3.12 13.86 -6.02
N ARG A 352 -3.06 13.04 -4.98
CA ARG A 352 -4.26 12.48 -4.36
C ARG A 352 -5.16 13.59 -3.79
N ARG A 353 -4.53 14.53 -3.10
CA ARG A 353 -5.24 15.64 -2.47
C ARG A 353 -5.95 16.50 -3.50
N PHE A 354 -5.44 16.49 -4.73
CA PHE A 354 -6.05 17.21 -5.82
C PHE A 354 -7.25 16.45 -6.38
N LEU A 355 -7.07 15.16 -6.60
CA LEU A 355 -8.10 14.31 -7.20
C LEU A 355 -9.30 14.13 -6.28
N GLN A 356 -9.06 14.17 -4.98
CA GLN A 356 -10.13 13.98 -4.01
C GLN A 356 -11.04 15.20 -3.92
N LYS A 357 -10.56 16.34 -4.39
CA LYS A 357 -11.31 17.58 -4.31
C LYS A 357 -11.92 17.98 -5.65
N LEU A 358 -11.87 17.08 -6.62
CA LEU A 358 -12.51 17.31 -7.91
C LEU A 358 -13.97 16.90 -7.86
N SER A 359 -14.84 17.70 -8.46
CA SER A 359 -16.25 17.37 -8.56
C SER A 359 -16.47 16.37 -9.69
N ASN A 360 -17.66 15.78 -9.74
CA ASN A 360 -17.99 14.85 -10.81
C ASN A 360 -18.02 15.55 -12.16
N ASP A 361 -18.38 16.83 -12.16
CA ASP A 361 -18.42 17.63 -13.38
C ASP A 361 -17.01 17.84 -13.93
N ASP A 362 -16.04 17.96 -13.03
CA ASP A 362 -14.64 18.14 -13.43
C ASP A 362 -14.08 16.86 -14.02
N ILE A 363 -14.43 15.73 -13.43
CA ILE A 363 -13.94 14.44 -13.88
C ILE A 363 -14.59 14.05 -15.21
N ASN A 364 -15.88 14.31 -15.34
CA ASN A 364 -16.60 14.06 -16.58
C ASN A 364 -16.02 14.87 -17.73
N TYR A 365 -15.71 16.13 -17.45
CA TYR A 365 -15.13 17.01 -18.45
C TYR A 365 -13.70 16.61 -18.79
N GLY A 366 -12.95 16.22 -17.77
CA GLY A 366 -11.56 15.85 -17.94
C GLY A 366 -11.35 14.60 -18.77
N MET A 367 -12.27 13.65 -18.66
CA MET A 367 -12.14 12.38 -19.37
C MET A 367 -12.70 12.44 -20.79
N LYS A 368 -13.82 13.14 -20.96
CA LYS A 368 -14.45 13.26 -22.28
C LYS A 368 -13.60 14.11 -23.22
N LYS A 369 -13.01 15.17 -22.68
CA LYS A 369 -12.20 16.09 -23.48
C LYS A 369 -10.75 15.63 -23.61
N LYS A 370 -10.43 14.51 -22.95
CA LYS A 370 -9.10 13.89 -23.06
C LYS A 370 -7.96 14.85 -22.74
N ILE A 371 -7.92 15.37 -21.53
CA ILE A 371 -6.88 16.31 -21.13
C ILE A 371 -5.51 15.62 -21.11
N ILE A 372 -5.51 14.32 -20.86
CA ILE A 372 -4.30 13.51 -20.94
C ILE A 372 -4.60 12.20 -21.66
N LYS A 373 -3.61 11.68 -22.38
CA LYS A 373 -3.78 10.41 -23.07
C LYS A 373 -3.19 9.27 -22.25
N GLU A 374 -3.37 8.04 -22.74
CA GLU A 374 -2.94 6.85 -22.03
C GLU A 374 -1.43 6.81 -21.84
N GLU A 375 -0.72 7.36 -22.82
CA GLU A 375 0.75 7.40 -22.81
C GLU A 375 1.28 8.15 -21.59
N ASP A 376 0.49 9.07 -21.07
CA ASP A 376 0.91 9.91 -19.95
C ASP A 376 0.25 9.52 -18.64
N LEU A 377 -0.84 8.76 -18.70
CA LEU A 377 -1.61 8.44 -17.50
C LEU A 377 -0.90 7.44 -16.58
N LEU A 378 -0.57 6.26 -17.10
CA LEU A 378 0.14 5.26 -16.31
C LEU A 378 1.59 5.71 -16.09
N GLU A 379 2.06 6.60 -16.96
CA GLU A 379 3.35 7.25 -16.79
C GLU A 379 3.34 8.06 -15.51
N ALA A 380 2.15 8.39 -15.03
CA ALA A 380 1.99 9.11 -13.77
C ALA A 380 1.79 8.16 -12.60
N SER A 381 1.13 7.03 -12.85
CA SER A 381 0.84 6.09 -11.78
C SER A 381 1.83 4.94 -11.69
N GLU A 382 2.97 5.08 -12.37
CA GLU A 382 4.03 4.09 -12.30
C GLU A 382 5.37 4.75 -12.00
N LYS A 383 5.47 6.04 -12.29
CA LYS A 383 6.69 6.79 -12.04
C LYS A 383 6.42 8.00 -11.15
N GLY A 384 5.15 8.32 -10.93
CA GLY A 384 4.77 9.43 -10.08
C GLY A 384 5.04 10.78 -10.72
N ASP A 385 5.31 10.76 -12.02
CA ASP A 385 5.68 11.97 -12.74
C ASP A 385 4.54 12.55 -13.58
N LEU A 386 4.14 13.77 -13.25
CA LEU A 386 3.24 14.52 -14.12
C LEU A 386 4.06 15.59 -14.83
N HIS A 387 4.57 15.23 -16.01
CA HIS A 387 5.48 16.09 -16.76
C HIS A 387 4.88 17.46 -17.02
N LEU A 388 5.72 18.49 -16.91
CA LEU A 388 5.28 19.87 -17.10
C LEU A 388 4.77 20.10 -18.52
N SER A 389 5.30 19.31 -19.46
CA SER A 389 4.85 19.37 -20.85
C SER A 389 3.44 18.80 -20.98
N VAL A 390 3.17 17.76 -20.20
CA VAL A 390 1.85 17.12 -20.20
C VAL A 390 0.83 18.01 -19.51
N ALA A 391 1.26 18.67 -18.43
CA ALA A 391 0.39 19.56 -17.68
C ALA A 391 0.00 20.78 -18.51
N ASP A 392 0.90 21.22 -19.37
CA ASP A 392 0.62 22.35 -20.26
C ASP A 392 -0.36 21.95 -21.35
N LYS A 393 -0.21 20.73 -21.85
CA LYS A 393 -1.09 20.22 -22.90
C LYS A 393 -2.50 20.01 -22.36
N ALA A 394 -2.60 19.75 -21.06
CA ALA A 394 -3.89 19.55 -20.42
C ALA A 394 -4.54 20.88 -20.07
N MET A 395 -3.73 21.87 -19.69
CA MET A 395 -4.23 23.19 -19.34
C MET A 395 -4.80 23.93 -20.54
N ARG A 396 -4.29 23.62 -21.74
CA ARG A 396 -4.80 24.22 -22.95
C ARG A 396 -6.23 23.74 -23.22
N VAL A 397 -6.54 22.54 -22.73
CA VAL A 397 -7.87 21.97 -22.85
C VAL A 397 -8.79 22.52 -21.76
N ILE A 398 -8.25 22.67 -20.56
CA ILE A 398 -9.00 23.21 -19.43
C ILE A 398 -9.34 24.68 -19.67
N SER A 399 -8.52 25.36 -20.46
CA SER A 399 -8.74 26.77 -20.79
C SER A 399 -10.05 26.98 -21.55
N GLY A 400 -10.58 25.90 -22.10
CA GLY A 400 -11.83 25.95 -22.84
C GLY A 400 -13.04 25.70 -21.96
N LEU A 401 -12.84 25.80 -20.65
CA LEU A 401 -13.92 25.63 -19.69
C LEU A 401 -14.39 26.99 -19.19
N GLY A 402 -15.70 27.23 -19.23
CA GLY A 402 -16.24 28.54 -18.90
C GLY A 402 -16.68 28.70 -17.46
N ARG A 403 -16.74 27.60 -16.72
CA ARG A 403 -17.17 27.63 -15.32
C ARG A 403 -15.98 27.53 -14.37
N PRO A 404 -16.12 28.07 -13.15
CA PRO A 404 -15.08 27.93 -12.14
C PRO A 404 -14.82 26.47 -11.79
N SER A 405 -13.55 26.09 -11.72
CA SER A 405 -13.18 24.70 -11.47
C SER A 405 -11.79 24.60 -10.85
N LEU A 406 -11.55 23.51 -10.12
CA LEU A 406 -10.25 23.29 -9.50
C LEU A 406 -9.23 22.83 -10.55
N LEU A 407 -9.74 22.45 -11.72
CA LEU A 407 -8.90 21.97 -12.81
C LEU A 407 -7.88 23.01 -13.26
N PHE A 408 -8.18 24.28 -13.03
CA PHE A 408 -7.31 25.37 -13.47
C PHE A 408 -6.02 25.46 -12.66
N LYS A 409 -5.92 24.66 -11.60
CA LYS A 409 -4.72 24.64 -10.78
C LYS A 409 -3.85 23.41 -11.08
N LEU A 410 -4.11 22.79 -12.22
CA LEU A 410 -3.43 21.55 -12.59
C LEU A 410 -1.92 21.75 -12.77
N LYS A 411 -1.54 22.89 -13.34
CA LYS A 411 -0.13 23.19 -13.56
C LYS A 411 0.58 23.42 -12.23
N ALA A 412 -0.09 24.12 -11.31
CA ALA A 412 0.47 24.38 -9.99
C ALA A 412 0.64 23.07 -9.21
N VAL A 413 -0.28 22.13 -9.43
CA VAL A 413 -0.21 20.83 -8.80
C VAL A 413 0.99 20.04 -9.32
N ALA A 414 1.17 20.05 -10.64
CA ALA A 414 2.26 19.33 -11.28
C ALA A 414 3.62 19.86 -10.85
N GLU A 415 3.67 21.15 -10.51
CA GLU A 415 4.92 21.77 -10.06
C GLU A 415 5.21 21.39 -8.61
N SER A 416 4.16 21.24 -7.81
CA SER A 416 4.30 20.83 -6.42
C SER A 416 4.73 19.37 -6.34
N MET A 417 4.18 18.55 -7.24
CA MET A 417 4.55 17.15 -7.34
C MET A 417 6.02 17.03 -7.72
N LYS A 418 6.46 17.89 -8.63
CA LYS A 418 7.85 17.90 -9.08
C LYS A 418 8.78 18.33 -7.97
N LYS A 419 8.33 19.30 -7.17
CA LYS A 419 9.13 19.84 -6.07
C LYS A 419 9.32 18.79 -4.97
N ILE A 420 8.23 18.14 -4.57
CA ILE A 420 8.28 17.14 -3.51
C ILE A 420 8.95 15.85 -4.00
N LYS A 421 9.00 15.68 -5.32
CA LYS A 421 9.66 14.53 -5.91
C LYS A 421 11.17 14.66 -5.76
N GLU A 422 11.68 15.83 -6.12
CA GLU A 422 13.11 16.11 -5.98
C GLU A 422 13.51 16.16 -4.51
N LEU A 423 12.57 16.57 -3.67
CA LEU A 423 12.81 16.67 -2.25
C LEU A 423 12.99 15.29 -1.62
N TYR A 424 12.27 14.31 -2.16
CA TYR A 424 12.37 12.94 -1.67
C TYR A 424 13.55 12.21 -2.30
N LEU A 425 13.91 12.60 -3.52
CA LEU A 425 15.10 12.06 -4.17
C LEU A 425 16.35 12.57 -3.45
N ASN A 426 16.19 13.71 -2.76
CA ASN A 426 17.26 14.24 -1.93
C ASN A 426 17.03 13.87 -0.46
N TYR A 427 16.71 12.59 -0.23
CA TYR A 427 16.50 12.08 1.11
C TYR A 427 17.78 12.20 1.95
N PRO A 428 17.65 12.59 3.22
CA PRO A 428 18.79 12.79 4.12
C PRO A 428 19.70 11.56 4.20
N ARG A 429 21.00 11.79 4.01
CA ARG A 429 21.99 10.73 4.02
C ARG A 429 22.17 10.16 5.43
N SER A 430 22.07 11.02 6.43
CA SER A 430 22.22 10.61 7.82
C SER A 430 20.98 11.00 8.63
N PRO A 431 20.67 10.21 9.68
CA PRO A 431 19.51 10.48 10.54
C PRO A 431 19.57 11.85 11.24
N SER A 432 20.75 12.47 11.26
CA SER A 432 20.90 13.79 11.87
C SER A 432 20.28 14.88 11.02
N SER A 433 19.95 14.54 9.77
CA SER A 433 19.38 15.51 8.85
C SER A 433 17.89 15.24 8.62
N LEU A 434 17.36 14.25 9.32
CA LEU A 434 15.96 13.86 9.16
C LEU A 434 14.99 14.94 9.62
N GLY A 435 15.29 15.55 10.77
CA GLY A 435 14.44 16.58 11.33
C GLY A 435 14.26 17.76 10.40
N SER A 436 15.36 18.20 9.80
CA SER A 436 15.33 19.34 8.90
C SER A 436 14.59 19.01 7.61
N TRP A 437 14.83 17.82 7.08
CA TRP A 437 14.19 17.37 5.84
C TRP A 437 12.69 17.17 6.03
N ARG A 438 12.30 16.63 7.18
CA ARG A 438 10.90 16.37 7.48
C ARG A 438 10.08 17.67 7.55
N ARG A 439 10.67 18.70 8.15
CA ARG A 439 9.99 19.99 8.28
C ARG A 439 9.85 20.67 6.92
N GLU A 440 10.78 20.38 6.02
CA GLU A 440 10.73 20.94 4.68
C GLU A 440 9.62 20.30 3.86
N VAL A 441 9.46 18.99 4.03
CA VAL A 441 8.39 18.24 3.38
C VAL A 441 7.03 18.73 3.87
N ASP A 442 6.90 18.91 5.18
CA ASP A 442 5.67 19.42 5.78
C ASP A 442 5.30 20.79 5.24
N ASN A 443 6.31 21.64 5.06
CA ASN A 443 6.10 22.97 4.51
C ASN A 443 5.57 22.91 3.08
N VAL A 444 6.02 21.92 2.32
CA VAL A 444 5.54 21.74 0.96
C VAL A 444 4.09 21.26 0.96
N LEU A 445 3.76 20.38 1.91
CA LEU A 445 2.41 19.85 2.00
C LEU A 445 1.43 20.86 2.57
N THR A 446 1.83 21.54 3.63
CA THR A 446 0.96 22.54 4.25
C THR A 446 0.71 23.72 3.31
N GLU A 447 1.72 24.06 2.50
CA GLU A 447 1.56 25.11 1.50
C GLU A 447 0.62 24.66 0.38
N PHE A 448 0.77 23.40 -0.03
CA PHE A 448 -0.05 22.85 -1.12
C PHE A 448 -1.52 22.76 -0.71
N ASN A 449 -1.76 22.41 0.55
CA ASN A 449 -3.12 22.32 1.07
C ASN A 449 -3.82 23.67 1.04
N LYS A 450 -3.04 24.74 1.21
CA LYS A 450 -3.58 26.09 1.15
C LYS A 450 -3.83 26.51 -0.30
N SER A 451 -3.03 25.98 -1.22
CA SER A 451 -3.14 26.36 -2.63
C SER A 451 -4.38 25.76 -3.29
N LEU A 452 -4.97 24.75 -2.66
CA LEU A 452 -6.18 24.12 -3.19
C LEU A 452 -7.44 24.81 -2.71
N SER A 453 -7.29 26.05 -2.24
CA SER A 453 -8.43 26.83 -1.78
C SER A 453 -8.32 28.28 -2.24
PA FDA B . -1.38 -7.22 6.35
O1A FDA B . -2.46 -6.56 7.12
O2A FDA B . -1.86 -8.32 5.39
O5B FDA B . -0.29 -7.72 7.38
C5B FDA B . -0.61 -7.84 8.78
C4B FDA B . -0.37 -9.26 9.25
O4B FDA B . 0.35 -9.23 10.50
C3B FDA B . -1.63 -10.08 9.50
O3B FDA B . -1.44 -11.45 9.14
C2B FDA B . -1.85 -9.91 11.00
O2B FDA B . -2.56 -11.01 11.57
C1B FDA B . -0.41 -9.88 11.50
N9A FDA B . -0.22 -9.18 12.77
C8A FDA B . -0.79 -8.00 13.15
N7A FDA B . -0.44 -7.60 14.35
C5A FDA B . 0.41 -8.60 14.80
C6A FDA B . 1.12 -8.78 16.00
N6A FDA B . 1.08 -7.91 17.02
N1A FDA B . 1.88 -9.89 16.12
C2A FDA B . 1.93 -10.75 15.11
N3A FDA B . 1.30 -10.69 13.93
C4A FDA B . 0.55 -9.59 13.83
N1 FDA B . -3.53 -3.83 -2.47
C2 FDA B . -3.18 -4.00 -3.79
O2 FDA B . -2.04 -3.85 -4.19
N3 FDA B . -4.20 -4.38 -4.63
C4 FDA B . -5.55 -4.32 -4.39
O4 FDA B . -6.36 -4.64 -5.25
C4X FDA B . -5.85 -3.87 -3.06
N5 FDA B . -7.15 -3.67 -2.71
C5X FDA B . -7.49 -3.52 -1.37
C6 FDA B . -8.81 -3.58 -0.95
C7 FDA B . -9.15 -3.44 0.40
C7M FDA B . -10.60 -3.54 0.81
C8 FDA B . -8.15 -3.20 1.34
C8M FDA B . -8.48 -3.04 2.80
C9 FDA B . -6.82 -3.12 0.92
C9A FDA B . -6.49 -3.28 -0.41
N10 FDA B . -5.16 -3.23 -0.87
C10 FDA B . -4.84 -3.65 -2.14
C1' FDA B . -4.05 -2.98 0.09
C2' FDA B . -3.46 -4.30 0.59
O2' FDA B . -4.51 -5.15 1.07
C3' FDA B . -2.46 -4.01 1.71
O3' FDA B . -1.85 -2.75 1.48
C4' FDA B . -1.37 -5.09 1.83
O4' FDA B . -1.96 -6.33 2.20
C5' FDA B . -0.27 -4.69 2.79
O5' FDA B . 0.44 -5.88 3.21
P FDA B . 0.78 -6.14 4.73
O1P FDA B . 1.40 -7.48 4.86
O2P FDA B . 1.60 -5.01 5.35
O3P FDA B . -0.65 -6.14 5.43
#